data_6ASM
#
_entry.id   6ASM
#
_cell.length_a   125.706
_cell.length_b   94.080
_cell.length_c   46.596
_cell.angle_alpha   90.00
_cell.angle_beta   96.40
_cell.angle_gamma   90.00
#
_symmetry.space_group_name_H-M   'C 1 2 1'
#
loop_
_entity.id
_entity.type
_entity.pdbx_description
1 polymer 'Phosphoenolpyruvate carboxykinase (ATP)'
2 non-polymer "ADENOSINE-5'-TRIPHOSPHATE"
3 non-polymer 'MAGNESIUM ION'
4 non-polymer 'MANGANESE (II) ION'
5 non-polymer XENON
6 non-polymer 2-[BIS-(2-HYDROXY-ETHYL)-AMINO]-2-HYDROXYMETHYL-PROPANE-1,3-DIOL
7 non-polymer THIOSULFATE
8 water water
#
_entity_poly.entity_id   1
_entity_poly.type   'polypeptide(L)'
_entity_poly.pdbx_seq_one_letter_code
;MRVNNGLTPQELEAYGISDVHDIVYNPSYDLLYQEELDPSLTGYERGVLTNLGAVAVDTGIFTGRSPKDKYIVRDDTTRD
TFWWADKGKGKNDNKPLSPETWQHLKGLVTRQLSGKRLFVVDAFCGANPDTRLSVRFITEVAWQAHFVKNMFIRPSDEEL
AGFKPDFIVMNGAKCTNPQWKEQGLNSENFVAFNLTERMQLIGGTWYGSEMCKGMFSMMNYLLPLKGIASMHCSANVGEK
GDVAVFFGLSGTGKTTLSTDPKRRLIGDDEHGWDDDGVFNFEGGCYAKTIKLSKEAEPEIYNAIRRDALLENVTVREDGT
IDFDDGSKTENTRVSYPIYHIDNIVKPVSKAGHATKVIFLTADAFGVLPPVSRLTADQTQYHFLSGFTAKLAGTERGITE
PTPTFSACFGAAFLSLHPTQYAEVLVKRMQAAGAQAYLVNTGWNGTGKRISIKDTRAIIDAILNGSLDNAETFTLPMFNL
AIPTELPGVDTKILDPRNTYASPEQWQEKAETLAKLFIDNFDKYTDTPAGAALVAAGPKLHHHHHH
;
_entity_poly.pdbx_strand_id   A
#
loop_
_chem_comp.id
_chem_comp.type
_chem_comp.name
_chem_comp.formula
ATP non-polymer ADENOSINE-5'-TRIPHOSPHATE 'C10 H16 N5 O13 P3'
BTB non-polymer 2-[BIS-(2-HYDROXY-ETHYL)-AMINO]-2-HYDROXYMETHYL-PROPANE-1,3-DIOL 'C8 H19 N O5'
MG non-polymer 'MAGNESIUM ION' 'Mg 2'
MN non-polymer 'MANGANESE (II) ION' 'Mn 2'
THJ non-polymer THIOSULFATE 'O3 S2 -2'
XE non-polymer XENON Xe
#
# COMPACT_ATOMS: atom_id res chain seq x y z
N LEU A 7 -15.49 25.16 -3.01
CA LEU A 7 -15.85 26.36 -2.25
C LEU A 7 -17.17 26.97 -2.75
N THR A 8 -17.16 27.58 -3.97
CA THR A 8 -18.40 28.09 -4.57
C THR A 8 -19.00 27.07 -5.52
N PRO A 9 -20.31 27.11 -5.74
CA PRO A 9 -20.89 26.26 -6.79
C PRO A 9 -20.39 26.59 -8.18
N GLN A 10 -19.93 27.82 -8.43
CA GLN A 10 -19.32 28.14 -9.72
C GLN A 10 -17.99 27.45 -9.88
N GLU A 11 -17.22 27.30 -8.79
CA GLU A 11 -15.98 26.56 -8.85
C GLU A 11 -16.24 25.09 -9.19
N LEU A 12 -17.26 24.51 -8.58
CA LEU A 12 -17.60 23.12 -8.89
C LEU A 12 -18.07 22.98 -10.33
N GLU A 13 -18.71 24.00 -10.88
CA GLU A 13 -19.15 23.92 -12.28
C GLU A 13 -17.96 23.82 -13.24
N ALA A 14 -16.82 24.43 -12.89
CA ALA A 14 -15.62 24.31 -13.72
C ALA A 14 -15.16 22.87 -13.85
N TYR A 15 -15.46 22.03 -12.87
CA TYR A 15 -15.14 20.61 -13.00
C TYR A 15 -16.19 19.85 -13.79
N GLY A 16 -17.31 20.50 -14.13
CA GLY A 16 -18.43 19.84 -14.78
C GLY A 16 -19.62 19.54 -13.90
N ILE A 17 -19.59 19.89 -12.62
CA ILE A 17 -20.63 19.52 -11.66
C ILE A 17 -21.61 20.68 -11.52
N SER A 18 -22.89 20.42 -11.82
CA SER A 18 -23.95 21.44 -11.89
C SER A 18 -24.90 21.35 -10.70
N ASP A 19 -25.50 22.50 -10.36
CA ASP A 19 -26.69 22.53 -9.50
C ASP A 19 -26.44 21.92 -8.12
N VAL A 20 -25.28 22.20 -7.54
CA VAL A 20 -24.99 21.69 -6.20
C VAL A 20 -25.65 22.61 -5.17
N HIS A 21 -26.59 22.06 -4.39
CA HIS A 21 -27.40 22.81 -3.42
C HIS A 21 -26.73 22.96 -2.07
N ASP A 22 -25.95 21.98 -1.63
CA ASP A 22 -25.27 22.09 -0.37
C ASP A 22 -23.85 21.62 -0.56
N ILE A 23 -22.91 22.42 -0.08
CA ILE A 23 -21.48 22.13 -0.18
C ILE A 23 -20.93 22.07 1.23
N VAL A 24 -20.33 20.94 1.58
CA VAL A 24 -19.65 20.76 2.87
C VAL A 24 -18.17 20.74 2.60
N TYR A 25 -17.52 21.89 2.75
CA TYR A 25 -16.09 22.02 2.53
C TYR A 25 -15.33 21.73 3.81
N ASN A 26 -14.28 20.94 3.71
CA ASN A 26 -13.41 20.61 4.83
C ASN A 26 -14.23 20.14 6.02
N PRO A 27 -15.01 19.07 5.88
CA PRO A 27 -15.85 18.60 6.98
C PRO A 27 -15.00 18.26 8.19
N SER A 28 -15.47 18.67 9.38
CA SER A 28 -14.80 18.33 10.63
C SER A 28 -15.03 16.85 10.96
N TYR A 29 -14.19 16.32 11.85
CA TYR A 29 -14.41 14.95 12.32
C TYR A 29 -15.75 14.84 13.03
N ASP A 30 -16.12 15.86 13.80
CA ASP A 30 -17.41 15.84 14.51
C ASP A 30 -18.57 15.79 13.51
N LEU A 31 -18.50 16.56 12.42
CA LEU A 31 -19.60 16.53 11.46
C LEU A 31 -19.65 15.19 10.74
N LEU A 32 -18.49 14.61 10.43
CA LEU A 32 -18.50 13.33 9.75
C LEU A 32 -19.10 12.24 10.63
N TYR A 33 -18.78 12.26 11.92
CA TYR A 33 -19.37 11.32 12.87
C TYR A 33 -20.89 11.39 12.83
N GLN A 34 -21.44 12.60 12.92
CA GLN A 34 -22.89 12.69 12.96
C GLN A 34 -23.51 12.37 11.60
N GLU A 35 -22.81 12.69 10.51
CA GLU A 35 -23.28 12.29 9.17
C GLU A 35 -23.39 10.77 9.05
N GLU A 36 -22.35 10.05 9.50
CA GLU A 36 -22.35 8.60 9.36
C GLU A 36 -23.46 7.94 10.17
N LEU A 37 -23.83 8.54 11.29
CA LEU A 37 -24.75 7.92 12.24
C LEU A 37 -26.17 8.48 12.11
N ASP A 38 -26.41 9.32 11.11
CA ASP A 38 -27.75 9.84 10.84
C ASP A 38 -28.73 8.67 10.70
N PRO A 39 -29.74 8.56 11.56
CA PRO A 39 -30.57 7.36 11.56
C PRO A 39 -31.45 7.20 10.33
N SER A 40 -31.47 8.19 9.44
CA SER A 40 -32.27 8.07 8.22
C SER A 40 -31.45 7.67 7.01
N LEU A 41 -30.12 7.48 7.15
CA LEU A 41 -29.36 6.99 6.01
C LEU A 41 -29.81 5.59 5.64
N THR A 42 -29.73 5.29 4.35
CA THR A 42 -30.04 3.97 3.82
C THR A 42 -28.81 3.41 3.13
N GLY A 43 -28.76 2.08 3.08
CA GLY A 43 -27.81 1.43 2.21
C GLY A 43 -26.38 1.59 2.70
N TYR A 44 -25.44 1.54 1.74
CA TYR A 44 -24.02 1.45 2.13
C TYR A 44 -23.46 2.76 2.68
N GLU A 45 -24.23 3.85 2.67
CA GLU A 45 -23.78 5.06 3.37
C GLU A 45 -23.82 4.93 4.88
N ARG A 46 -24.61 4.00 5.43
CA ARG A 46 -24.87 3.98 6.86
C ARG A 46 -23.66 3.50 7.65
N GLY A 47 -23.37 4.21 8.73
CA GLY A 47 -22.44 3.76 9.72
C GLY A 47 -23.15 3.22 10.96
N VAL A 48 -22.45 2.38 11.71
CA VAL A 48 -22.90 1.95 13.03
C VAL A 48 -21.82 2.26 14.07
N LEU A 49 -22.25 2.65 15.26
CA LEU A 49 -21.32 2.94 16.34
C LEU A 49 -20.94 1.66 17.07
N THR A 50 -19.63 1.37 17.15
CA THR A 50 -19.11 0.24 17.92
C THR A 50 -18.85 0.62 19.38
N ASN A 51 -18.68 -0.40 20.23
CA ASN A 51 -18.42 -0.09 21.63
C ASN A 51 -17.05 0.50 21.87
N LEU A 52 -16.13 0.38 20.91
CA LEU A 52 -14.85 1.05 20.98
C LEU A 52 -14.94 2.54 20.64
N GLY A 53 -16.11 3.02 20.23
CA GLY A 53 -16.29 4.43 19.94
C GLY A 53 -16.07 4.80 18.50
N ALA A 54 -15.54 3.89 17.70
CA ALA A 54 -15.32 4.11 16.27
C ALA A 54 -16.56 3.70 15.48
N VAL A 55 -16.82 4.43 14.38
CA VAL A 55 -17.88 4.09 13.44
C VAL A 55 -17.39 2.99 12.52
N ALA A 56 -18.30 2.08 12.18
CA ALA A 56 -18.03 1.03 11.20
C ALA A 56 -18.97 1.16 10.01
N VAL A 57 -18.44 0.89 8.81
CA VAL A 57 -19.23 0.96 7.60
C VAL A 57 -19.02 -0.31 6.80
N ASP A 58 -19.95 -0.52 5.86
CA ASP A 58 -19.93 -1.60 4.86
C ASP A 58 -19.58 -0.97 3.52
N THR A 59 -18.49 -1.43 2.89
CA THR A 59 -18.05 -0.77 1.65
C THR A 59 -18.77 -1.27 0.41
N GLY A 60 -19.75 -2.16 0.54
CA GLY A 60 -20.54 -2.59 -0.60
C GLY A 60 -20.01 -3.84 -1.26
N ILE A 61 -20.23 -3.95 -2.57
CA ILE A 61 -19.86 -5.20 -3.24
C ILE A 61 -18.35 -5.28 -3.39
N PHE A 62 -17.67 -4.14 -3.42
CA PHE A 62 -16.21 -4.13 -3.47
C PHE A 62 -15.67 -4.05 -2.04
N THR A 63 -14.79 -5.01 -1.68
CA THR A 63 -14.11 -5.02 -0.40
C THR A 63 -12.60 -4.98 -0.58
N GLY A 64 -12.15 -4.48 -1.71
CA GLY A 64 -10.75 -4.34 -2.04
C GLY A 64 -10.70 -3.51 -3.30
N ARG A 65 -9.49 -3.14 -3.70
CA ARG A 65 -9.33 -2.45 -4.98
C ARG A 65 -9.73 -3.35 -6.15
N SER A 66 -10.01 -2.72 -7.28
CA SER A 66 -10.37 -3.42 -8.51
C SER A 66 -9.35 -3.09 -9.58
N PRO A 67 -8.22 -3.78 -9.59
CA PRO A 67 -7.21 -3.50 -10.63
C PRO A 67 -7.71 -3.75 -12.02
N LYS A 68 -8.64 -4.68 -12.20
CA LYS A 68 -9.12 -4.94 -13.57
C LYS A 68 -9.95 -3.80 -14.14
N ASP A 69 -10.35 -2.84 -13.30
CA ASP A 69 -11.11 -1.68 -13.73
C ASP A 69 -10.28 -0.39 -13.78
N LYS A 70 -8.95 -0.51 -13.70
CA LYS A 70 -8.06 0.64 -13.70
C LYS A 70 -7.63 0.99 -15.12
N TYR A 71 -7.78 2.27 -15.48
CA TYR A 71 -7.47 2.78 -16.82
C TYR A 71 -6.77 4.12 -16.74
N ILE A 72 -5.80 4.32 -17.64
CA ILE A 72 -5.01 5.55 -17.76
C ILE A 72 -5.20 6.07 -19.18
N VAL A 73 -5.55 7.36 -19.32
CA VAL A 73 -5.69 7.95 -20.64
C VAL A 73 -4.32 7.97 -21.32
N ARG A 74 -4.27 7.43 -22.55
CA ARG A 74 -3.07 7.42 -23.34
C ARG A 74 -3.13 8.60 -24.30
N ASP A 75 -2.30 9.61 -24.02
CA ASP A 75 -2.26 10.82 -24.81
C ASP A 75 -0.79 11.21 -24.92
N ASP A 76 -0.52 12.40 -25.44
CA ASP A 76 0.87 12.75 -25.67
C ASP A 76 1.63 13.04 -24.37
N THR A 77 0.92 13.21 -23.25
CA THR A 77 1.60 13.33 -21.97
C THR A 77 2.08 11.97 -21.45
N THR A 78 1.30 10.91 -21.63
CA THR A 78 1.60 9.60 -21.05
C THR A 78 2.14 8.56 -22.03
N ARG A 79 1.96 8.77 -23.34
CA ARG A 79 2.27 7.69 -24.29
C ARG A 79 3.67 7.13 -24.09
N ASP A 80 4.67 8.00 -24.05
CA ASP A 80 6.06 7.57 -24.09
C ASP A 80 6.69 7.42 -22.72
N THR A 81 5.97 7.80 -21.66
CA THR A 81 6.51 7.73 -20.30
C THR A 81 5.89 6.63 -19.45
N PHE A 82 4.63 6.29 -19.66
CA PHE A 82 3.93 5.31 -18.82
C PHE A 82 4.35 3.89 -19.15
N TRP A 83 4.26 3.02 -18.13
CA TRP A 83 4.43 1.57 -18.27
C TRP A 83 3.07 0.95 -18.64
N TRP A 84 2.83 0.74 -19.93
CA TRP A 84 1.51 0.38 -20.42
C TRP A 84 1.28 -1.14 -20.37
N ALA A 85 0.04 -1.52 -20.04
CA ALA A 85 -0.32 -2.92 -19.90
C ALA A 85 -0.20 -3.64 -21.21
N ASP A 86 -0.40 -2.94 -22.33
CA ASP A 86 -0.46 -3.61 -23.63
C ASP A 86 0.84 -3.53 -24.40
N LYS A 87 1.93 -3.03 -23.81
CA LYS A 87 3.12 -2.76 -24.60
C LYS A 87 4.36 -3.57 -24.20
N GLY A 90 6.06 -6.47 -19.52
CA GLY A 90 5.59 -7.16 -18.33
C GLY A 90 4.17 -6.85 -17.92
N LYS A 91 3.62 -7.68 -17.04
CA LYS A 91 2.22 -7.59 -16.65
C LYS A 91 1.99 -6.47 -15.65
N ASN A 92 0.96 -5.67 -15.90
CA ASN A 92 0.61 -4.55 -15.03
C ASN A 92 -0.83 -4.16 -15.34
N ASP A 93 -1.37 -3.25 -14.54
CA ASP A 93 -2.77 -2.88 -14.64
C ASP A 93 -3.00 -1.56 -15.37
N ASN A 94 -1.97 -0.95 -15.95
CA ASN A 94 -2.09 0.37 -16.59
C ASN A 94 -2.68 0.19 -17.99
N LYS A 95 -3.99 -0.03 -18.01
CA LYS A 95 -4.70 -0.25 -19.27
C LYS A 95 -4.99 1.08 -19.96
N PRO A 96 -4.76 1.18 -21.27
CA PRO A 96 -4.93 2.46 -21.97
C PRO A 96 -6.38 2.81 -22.19
N LEU A 97 -6.63 4.10 -22.13
CA LEU A 97 -7.97 4.66 -22.30
C LEU A 97 -7.90 5.84 -23.25
N SER A 98 -8.93 5.94 -24.14
CA SER A 98 -8.95 7.07 -25.07
C SER A 98 -9.42 8.36 -24.38
N PRO A 99 -8.98 9.52 -24.90
CA PRO A 99 -9.56 10.79 -24.41
C PRO A 99 -11.05 10.85 -24.62
N GLU A 100 -11.56 10.30 -25.72
CA GLU A 100 -13.00 10.32 -25.97
C GLU A 100 -13.77 9.49 -24.95
N THR A 101 -13.29 8.27 -24.68
CA THR A 101 -13.97 7.43 -23.70
C THR A 101 -13.89 8.07 -22.31
N TRP A 102 -12.74 8.66 -22.00
CA TRP A 102 -12.59 9.42 -20.76
C TRP A 102 -13.70 10.46 -20.61
N GLN A 103 -14.03 11.17 -21.70
CA GLN A 103 -15.04 12.23 -21.58
C GLN A 103 -16.40 11.64 -21.23
N HIS A 104 -16.72 10.46 -21.77
N HIS A 104 -16.69 10.46 -21.77
CA HIS A 104 -17.98 9.80 -21.38
CA HIS A 104 -17.93 9.78 -21.42
C HIS A 104 -17.97 9.44 -19.91
C HIS A 104 -17.96 9.43 -19.93
N LEU A 105 -16.86 8.87 -19.42
CA LEU A 105 -16.81 8.52 -18.00
C LEU A 105 -16.92 9.78 -17.12
N LYS A 106 -16.32 10.87 -17.55
CA LYS A 106 -16.41 12.12 -16.80
C LYS A 106 -17.84 12.64 -16.76
N GLY A 107 -18.57 12.51 -17.87
CA GLY A 107 -19.98 12.85 -17.86
C GLY A 107 -20.78 12.02 -16.89
N LEU A 108 -20.49 10.72 -16.79
CA LEU A 108 -21.21 9.89 -15.84
C LEU A 108 -21.02 10.39 -14.41
N VAL A 109 -19.75 10.65 -14.03
CA VAL A 109 -19.45 11.03 -12.66
C VAL A 109 -20.01 12.41 -12.34
N THR A 110 -19.78 13.39 -13.23
CA THR A 110 -20.20 14.75 -12.92
C THR A 110 -21.71 14.84 -12.90
N ARG A 111 -22.42 14.11 -13.77
CA ARG A 111 -23.87 14.09 -13.64
C ARG A 111 -24.34 13.41 -12.36
N GLN A 112 -23.65 12.36 -11.92
CA GLN A 112 -24.04 11.70 -10.69
C GLN A 112 -23.92 12.64 -9.49
N LEU A 113 -22.88 13.48 -9.48
CA LEU A 113 -22.63 14.38 -8.36
C LEU A 113 -23.38 15.69 -8.47
N SER A 114 -23.94 15.98 -9.63
CA SER A 114 -24.76 17.17 -9.81
C SER A 114 -26.05 17.03 -9.02
N GLY A 115 -26.52 18.13 -8.45
CA GLY A 115 -27.77 18.08 -7.70
C GLY A 115 -27.72 17.34 -6.39
N LYS A 116 -26.52 17.06 -5.87
CA LYS A 116 -26.32 16.37 -4.61
C LYS A 116 -25.71 17.32 -3.58
N ARG A 117 -25.82 16.95 -2.31
CA ARG A 117 -24.96 17.53 -1.29
C ARG A 117 -23.60 16.89 -1.42
N LEU A 118 -22.55 17.71 -1.57
CA LEU A 118 -21.21 17.20 -1.79
C LEU A 118 -20.29 17.56 -0.65
N PHE A 119 -19.39 16.64 -0.35
CA PHE A 119 -18.26 16.89 0.54
C PHE A 119 -17.05 17.20 -0.34
N VAL A 120 -16.29 18.23 0.02
CA VAL A 120 -15.08 18.59 -0.67
C VAL A 120 -13.96 18.59 0.38
N VAL A 121 -13.00 17.68 0.23
CA VAL A 121 -11.86 17.58 1.12
C VAL A 121 -10.61 18.00 0.36
N ASP A 122 -9.93 19.03 0.85
CA ASP A 122 -8.62 19.42 0.35
C ASP A 122 -7.54 18.80 1.24
N ALA A 123 -6.52 18.23 0.63
CA ALA A 123 -5.49 17.54 1.40
C ALA A 123 -4.19 17.48 0.60
N PHE A 124 -3.13 17.02 1.26
CA PHE A 124 -1.85 16.81 0.60
C PHE A 124 -1.51 15.34 0.49
N CYS A 125 -0.84 15.01 -0.60
CA CYS A 125 -0.14 13.76 -0.80
C CYS A 125 1.34 14.08 -0.86
N GLY A 126 2.08 13.76 0.19
CA GLY A 126 3.51 14.04 0.35
C GLY A 126 3.73 15.00 1.50
N ALA A 127 4.63 14.60 2.41
CA ALA A 127 4.92 15.39 3.61
C ALA A 127 5.70 16.67 3.30
N ASN A 128 6.46 16.72 2.15
CA ASN A 128 7.33 17.85 1.84
C ASN A 128 6.64 18.82 0.90
N PRO A 129 6.59 20.11 1.22
CA PRO A 129 5.99 21.07 0.28
C PRO A 129 6.59 21.04 -1.12
N ASP A 130 7.89 20.75 -1.29
CA ASP A 130 8.47 20.92 -2.62
C ASP A 130 8.03 19.84 -3.60
N THR A 131 7.53 18.70 -3.11
CA THR A 131 7.12 17.62 -4.00
C THR A 131 5.71 17.11 -3.76
N ARG A 132 4.94 17.69 -2.83
CA ARG A 132 3.62 17.17 -2.55
C ARG A 132 2.63 17.58 -3.62
N LEU A 133 1.61 16.74 -3.79
CA LEU A 133 0.44 17.08 -4.57
C LEU A 133 -0.63 17.68 -3.68
N SER A 134 -1.23 18.76 -4.16
CA SER A 134 -2.43 19.33 -3.57
C SER A 134 -3.63 18.69 -4.22
N VAL A 135 -4.40 17.92 -3.46
CA VAL A 135 -5.48 17.12 -4.03
C VAL A 135 -6.82 17.57 -3.46
N ARG A 136 -7.82 17.71 -4.33
CA ARG A 136 -9.18 18.04 -3.99
C ARG A 136 -10.05 16.81 -4.25
N PHE A 137 -10.68 16.27 -3.21
CA PHE A 137 -11.57 15.12 -3.29
C PHE A 137 -13.01 15.57 -3.22
N ILE A 138 -13.86 15.01 -4.10
CA ILE A 138 -15.28 15.35 -4.17
C ILE A 138 -16.08 14.05 -4.06
N THR A 139 -16.98 13.99 -3.09
CA THR A 139 -17.81 12.81 -2.88
C THR A 139 -19.17 13.19 -2.34
N GLU A 140 -20.14 12.28 -2.52
CA GLU A 140 -21.47 12.46 -1.94
C GLU A 140 -21.72 11.52 -0.77
N VAL A 141 -20.70 10.78 -0.33
CA VAL A 141 -20.80 9.82 0.78
C VAL A 141 -19.90 10.29 1.92
N ALA A 142 -20.49 10.53 3.10
CA ALA A 142 -19.71 11.07 4.20
C ALA A 142 -18.52 10.17 4.56
N TRP A 143 -18.72 8.85 4.60
CA TRP A 143 -17.59 8.04 5.06
C TRP A 143 -16.44 8.01 4.06
N GLN A 144 -16.70 8.26 2.77
CA GLN A 144 -15.61 8.41 1.81
C GLN A 144 -14.82 9.68 2.08
N ALA A 145 -15.49 10.77 2.44
CA ALA A 145 -14.77 11.99 2.84
C ALA A 145 -13.95 11.76 4.11
N HIS A 146 -14.54 11.01 5.06
CA HIS A 146 -13.84 10.63 6.28
C HIS A 146 -12.59 9.80 5.95
N PHE A 147 -12.71 8.85 5.01
CA PHE A 147 -11.56 8.04 4.63
C PHE A 147 -10.41 8.92 4.14
N VAL A 148 -10.70 9.87 3.27
CA VAL A 148 -9.59 10.67 2.76
C VAL A 148 -9.10 11.67 3.79
N LYS A 149 -9.97 12.12 4.71
CA LYS A 149 -9.49 12.99 5.81
C LYS A 149 -8.49 12.23 6.67
N ASN A 150 -8.76 10.95 6.93
CA ASN A 150 -7.83 10.13 7.70
C ASN A 150 -6.54 9.87 6.93
N MET A 151 -6.66 9.51 5.65
CA MET A 151 -5.50 8.90 4.99
C MET A 151 -4.57 9.90 4.28
N PHE A 152 -5.05 11.09 3.92
CA PHE A 152 -4.16 12.08 3.34
C PHE A 152 -3.74 13.08 4.42
N ILE A 153 -2.81 13.96 4.06
CA ILE A 153 -2.25 14.89 5.03
C ILE A 153 -3.20 16.08 5.14
N ARG A 154 -3.61 16.39 6.36
CA ARG A 154 -4.64 17.38 6.60
C ARG A 154 -4.00 18.75 6.65
N PRO A 155 -4.36 19.68 5.76
CA PRO A 155 -3.68 20.99 5.74
C PRO A 155 -3.99 21.84 6.95
N SER A 156 -3.08 22.76 7.25
CA SER A 156 -3.36 23.76 8.28
C SER A 156 -4.32 24.82 7.75
N ASP A 157 -4.80 25.67 8.66
CA ASP A 157 -5.69 26.73 8.22
C ASP A 157 -5.00 27.68 7.25
N GLU A 158 -3.70 27.92 7.45
CA GLU A 158 -2.96 28.78 6.53
C GLU A 158 -2.83 28.13 5.15
N GLU A 159 -2.54 26.84 5.12
CA GLU A 159 -2.44 26.11 3.86
C GLU A 159 -3.78 26.06 3.12
N LEU A 160 -4.88 25.91 3.84
CA LEU A 160 -6.19 25.90 3.17
C LEU A 160 -6.50 27.26 2.53
N ALA A 161 -6.04 28.35 3.15
CA ALA A 161 -6.38 29.68 2.66
C ALA A 161 -5.81 29.92 1.27
N GLY A 162 -4.62 29.40 1.00
CA GLY A 162 -4.09 29.51 -0.34
C GLY A 162 -4.11 28.21 -1.12
N PHE A 163 -5.08 27.32 -0.87
CA PHE A 163 -5.02 25.98 -1.46
C PHE A 163 -5.31 26.06 -2.95
N LYS A 164 -4.45 25.43 -3.74
CA LYS A 164 -4.62 25.40 -5.20
C LYS A 164 -4.49 23.95 -5.65
N PRO A 165 -5.58 23.28 -6.03
CA PRO A 165 -5.45 21.85 -6.38
C PRO A 165 -4.53 21.61 -7.57
N ASP A 166 -3.66 20.63 -7.42
CA ASP A 166 -2.87 20.05 -8.52
C ASP A 166 -3.60 18.92 -9.19
N PHE A 167 -4.50 18.25 -8.46
CA PHE A 167 -5.19 17.06 -8.94
C PHE A 167 -6.60 17.05 -8.34
N ILE A 168 -7.58 16.58 -9.11
CA ILE A 168 -8.96 16.45 -8.64
C ILE A 168 -9.36 14.99 -8.68
N VAL A 169 -9.92 14.51 -7.58
CA VAL A 169 -10.44 13.15 -7.48
C VAL A 169 -11.96 13.25 -7.31
N MET A 170 -12.70 12.75 -8.29
CA MET A 170 -14.17 12.82 -8.25
C MET A 170 -14.70 11.41 -8.05
N ASN A 171 -15.35 11.17 -6.92
CA ASN A 171 -15.81 9.85 -6.56
C ASN A 171 -17.30 9.73 -6.86
N GLY A 172 -17.61 9.03 -7.95
CA GLY A 172 -18.98 8.75 -8.35
C GLY A 172 -19.36 7.30 -8.15
N ALA A 173 -19.07 6.77 -6.96
CA ALA A 173 -19.31 5.37 -6.66
C ALA A 173 -20.72 4.92 -7.02
N LYS A 174 -21.71 5.78 -6.82
CA LYS A 174 -23.10 5.39 -7.05
C LYS A 174 -23.47 5.30 -8.53
N CYS A 175 -22.63 5.73 -9.45
CA CYS A 175 -22.95 5.62 -10.85
C CYS A 175 -22.25 4.39 -11.43
N THR A 176 -22.75 3.94 -12.57
CA THR A 176 -22.09 2.89 -13.35
C THR A 176 -22.13 3.26 -14.82
N ASN A 177 -21.35 2.54 -15.62
CA ASN A 177 -21.15 2.84 -17.02
C ASN A 177 -21.96 1.88 -17.88
N PRO A 178 -23.07 2.31 -18.47
CA PRO A 178 -23.87 1.41 -19.32
C PRO A 178 -23.21 1.06 -20.63
N GLN A 179 -22.18 1.80 -21.05
CA GLN A 179 -21.56 1.61 -22.35
C GLN A 179 -20.29 0.79 -22.29
N TRP A 180 -20.03 0.08 -21.19
CA TRP A 180 -18.72 -0.52 -21.01
C TRP A 180 -18.42 -1.57 -22.07
N LYS A 181 -19.42 -2.32 -22.51
CA LYS A 181 -19.18 -3.34 -23.54
C LYS A 181 -18.70 -2.70 -24.84
N GLU A 182 -19.41 -1.69 -25.33
CA GLU A 182 -19.00 -1.10 -26.59
C GLU A 182 -17.67 -0.36 -26.48
N GLN A 183 -17.30 0.06 -25.27
CA GLN A 183 -16.05 0.76 -25.03
C GLN A 183 -14.90 -0.18 -24.73
N GLY A 184 -15.14 -1.49 -24.73
CA GLY A 184 -14.07 -2.45 -24.53
C GLY A 184 -13.49 -2.47 -23.13
N LEU A 185 -14.24 -2.02 -22.14
CA LEU A 185 -13.78 -2.01 -20.77
C LEU A 185 -14.13 -3.32 -20.05
N ASN A 186 -13.58 -3.48 -18.86
CA ASN A 186 -13.70 -4.74 -18.14
C ASN A 186 -15.09 -4.95 -17.54
N SER A 187 -15.72 -3.89 -17.07
CA SER A 187 -17.00 -3.98 -16.35
C SER A 187 -17.67 -2.62 -16.37
N GLU A 188 -18.85 -2.53 -15.74
CA GLU A 188 -19.55 -1.26 -15.62
C GLU A 188 -18.90 -0.33 -14.60
N ASN A 189 -17.86 -0.77 -13.93
CA ASN A 189 -17.13 0.02 -12.93
C ASN A 189 -15.89 0.61 -13.57
N PHE A 190 -15.30 1.63 -12.92
CA PHE A 190 -14.12 2.21 -13.51
C PHE A 190 -13.33 3.02 -12.50
N VAL A 191 -12.02 2.93 -12.60
CA VAL A 191 -11.09 3.75 -11.84
C VAL A 191 -10.14 4.33 -12.87
N ALA A 192 -10.37 5.58 -13.28
CA ALA A 192 -9.72 6.13 -14.46
C ALA A 192 -8.91 7.36 -14.12
N PHE A 193 -7.80 7.53 -14.82
CA PHE A 193 -6.86 8.63 -14.58
C PHE A 193 -6.55 9.34 -15.89
N ASN A 194 -6.45 10.66 -15.81
CA ASN A 194 -6.09 11.51 -16.95
C ASN A 194 -5.02 12.50 -16.48
N LEU A 195 -3.78 12.32 -16.97
CA LEU A 195 -2.68 13.17 -16.52
C LEU A 195 -2.59 14.49 -17.28
N THR A 196 -3.34 14.66 -18.36
CA THR A 196 -3.44 15.96 -19.01
C THR A 196 -4.37 16.87 -18.23
N GLU A 197 -5.54 16.36 -17.83
CA GLU A 197 -6.47 17.13 -17.02
C GLU A 197 -6.16 17.04 -15.51
N ARG A 198 -5.27 16.13 -15.11
CA ARG A 198 -4.91 15.90 -13.71
C ARG A 198 -6.15 15.59 -12.86
N MET A 199 -6.79 14.48 -13.23
CA MET A 199 -8.03 14.07 -12.62
C MET A 199 -8.09 12.55 -12.49
N GLN A 200 -8.76 12.10 -11.43
CA GLN A 200 -9.15 10.71 -11.24
C GLN A 200 -10.66 10.63 -11.12
N LEU A 201 -11.25 9.64 -11.78
CA LEU A 201 -12.68 9.36 -11.74
C LEU A 201 -12.89 7.96 -11.20
N ILE A 202 -13.90 7.82 -10.35
CA ILE A 202 -14.30 6.52 -9.82
C ILE A 202 -15.78 6.32 -10.03
N GLY A 203 -16.15 5.16 -10.56
CA GLY A 203 -17.54 4.76 -10.76
C GLY A 203 -17.77 3.33 -10.32
N GLY A 204 -18.91 3.06 -9.70
CA GLY A 204 -19.31 1.70 -9.39
C GLY A 204 -18.79 1.13 -8.09
N THR A 205 -17.49 1.31 -7.81
CA THR A 205 -16.94 0.85 -6.54
C THR A 205 -16.94 1.99 -5.52
N TRP A 206 -17.42 1.67 -4.32
CA TRP A 206 -17.38 2.62 -3.20
C TRP A 206 -16.06 2.58 -2.44
N TYR A 207 -15.16 1.66 -2.79
CA TYR A 207 -14.05 1.35 -1.90
C TYR A 207 -13.11 2.56 -1.77
N GLY A 208 -12.77 2.93 -0.54
CA GLY A 208 -12.08 4.19 -0.31
C GLY A 208 -10.66 4.17 -0.81
N SER A 209 -9.99 3.02 -0.69
CA SER A 209 -8.56 3.02 -0.98
C SER A 209 -8.26 3.19 -2.46
N GLU A 210 -9.25 3.12 -3.36
CA GLU A 210 -9.00 3.52 -4.75
C GLU A 210 -8.45 4.95 -4.82
N MET A 211 -8.86 5.81 -3.88
CA MET A 211 -8.39 7.20 -3.88
C MET A 211 -6.94 7.30 -3.37
N CYS A 212 -6.64 6.62 -2.27
N CYS A 212 -6.60 6.60 -2.30
CA CYS A 212 -5.27 6.58 -1.76
CA CYS A 212 -5.22 6.71 -1.82
C CYS A 212 -4.33 6.06 -2.84
C CYS A 212 -4.24 5.99 -2.72
N LYS A 213 -4.65 4.91 -3.38
CA LYS A 213 -3.70 4.27 -4.29
C LYS A 213 -3.73 4.93 -5.66
N GLY A 214 -4.81 5.61 -6.02
CA GLY A 214 -4.78 6.47 -7.20
C GLY A 214 -3.74 7.56 -7.09
N MET A 215 -3.68 8.26 -5.94
CA MET A 215 -2.69 9.31 -5.77
C MET A 215 -1.29 8.73 -5.57
N PHE A 216 -1.18 7.58 -4.91
CA PHE A 216 0.10 6.90 -4.84
C PHE A 216 0.63 6.62 -6.23
N SER A 217 -0.25 6.13 -7.12
CA SER A 217 0.14 5.88 -8.50
C SER A 217 0.68 7.13 -9.17
N MET A 218 0.10 8.29 -8.86
CA MET A 218 0.55 9.55 -9.46
C MET A 218 1.90 9.98 -8.89
N MET A 219 2.10 9.84 -7.57
CA MET A 219 3.42 10.08 -6.99
C MET A 219 4.46 9.15 -7.59
N ASN A 220 4.06 7.90 -7.87
CA ASN A 220 4.96 6.92 -8.46
C ASN A 220 5.34 7.29 -9.89
N TYR A 221 4.56 8.16 -10.52
CA TYR A 221 4.91 8.67 -11.84
C TYR A 221 5.85 9.86 -11.71
N LEU A 222 5.50 10.82 -10.86
CA LEU A 222 6.23 12.08 -10.84
C LEU A 222 7.57 11.95 -10.13
N LEU A 223 7.63 11.23 -9.00
CA LEU A 223 8.82 11.35 -8.16
C LEU A 223 10.05 10.69 -8.77
N PRO A 224 9.99 9.47 -9.29
CA PRO A 224 11.22 8.89 -9.89
C PRO A 224 11.70 9.67 -11.09
N LEU A 225 10.81 10.31 -11.85
CA LEU A 225 11.26 11.13 -12.97
C LEU A 225 12.11 12.30 -12.53
N LYS A 226 12.09 12.66 -11.24
CA LYS A 226 13.00 13.69 -10.75
C LYS A 226 13.96 13.16 -9.69
N GLY A 227 14.27 11.87 -9.73
CA GLY A 227 15.33 11.33 -8.89
C GLY A 227 14.94 10.91 -7.50
N ILE A 228 13.64 10.90 -7.19
CA ILE A 228 13.15 10.63 -5.84
C ILE A 228 12.54 9.24 -5.83
N ALA A 229 12.99 8.37 -4.93
CA ALA A 229 12.40 7.04 -4.87
C ALA A 229 10.98 7.15 -4.35
N SER A 230 10.09 6.30 -4.87
CA SER A 230 8.69 6.33 -4.46
C SER A 230 8.31 4.88 -4.16
N MET A 231 7.90 4.59 -2.91
CA MET A 231 8.06 3.26 -2.35
C MET A 231 6.81 2.76 -1.64
N HIS A 232 6.46 1.50 -1.90
CA HIS A 232 5.39 0.79 -1.17
C HIS A 232 6.02 0.16 0.07
N CYS A 233 6.13 0.96 1.14
CA CYS A 233 6.83 0.52 2.34
C CYS A 233 6.29 1.24 3.56
N SER A 234 6.45 0.60 4.72
CA SER A 234 6.33 1.29 5.97
C SER A 234 7.70 1.81 6.40
N ALA A 235 7.73 2.67 7.41
CA ALA A 235 9.00 3.30 7.78
C ALA A 235 8.96 3.78 9.22
N ASN A 236 10.06 3.59 9.95
CA ASN A 236 10.14 4.14 11.30
C ASN A 236 11.59 4.47 11.64
N VAL A 237 11.76 5.08 12.80
CA VAL A 237 13.08 5.58 13.20
C VAL A 237 13.27 5.33 14.69
N GLY A 238 14.47 4.92 15.05
CA GLY A 238 14.84 4.69 16.44
C GLY A 238 15.27 5.98 17.13
N GLU A 239 15.48 5.86 18.45
CA GLU A 239 15.92 7.03 19.22
C GLU A 239 17.27 7.52 18.73
N LYS A 240 18.12 6.62 18.25
CA LYS A 240 19.41 7.03 17.71
C LYS A 240 19.31 7.69 16.33
N GLY A 241 18.13 7.79 15.72
CA GLY A 241 18.01 8.42 14.42
C GLY A 241 18.16 7.47 13.25
N ASP A 242 18.33 6.17 13.51
CA ASP A 242 18.45 5.17 12.46
C ASP A 242 17.08 4.88 11.86
N VAL A 243 16.96 5.04 10.55
CA VAL A 243 15.70 4.86 9.81
C VAL A 243 15.70 3.50 9.11
N ALA A 244 14.54 2.86 9.15
CA ALA A 244 14.30 1.59 8.48
C ALA A 244 13.07 1.71 7.60
N VAL A 245 13.09 1.05 6.44
CA VAL A 245 11.91 0.91 5.61
C VAL A 245 11.63 -0.58 5.43
N PHE A 246 10.32 -0.91 5.36
CA PHE A 246 9.82 -2.28 5.24
C PHE A 246 8.95 -2.37 3.99
N PHE A 247 9.48 -2.97 2.94
CA PHE A 247 8.71 -3.25 1.74
C PHE A 247 7.94 -4.56 1.88
N GLY A 248 6.92 -4.72 1.05
CA GLY A 248 6.25 -6.00 0.97
C GLY A 248 4.86 -5.87 0.38
N LEU A 249 4.34 -7.01 -0.10
CA LEU A 249 3.01 -7.00 -0.69
C LEU A 249 1.96 -7.01 0.43
N SER A 250 0.67 -7.05 0.06
CA SER A 250 -0.38 -6.99 1.07
C SER A 250 -0.36 -8.18 2.02
N GLY A 251 -0.55 -7.89 3.30
CA GLY A 251 -0.62 -8.92 4.32
C GLY A 251 0.73 -9.42 4.78
N THR A 252 1.84 -8.80 4.34
CA THR A 252 3.16 -9.34 4.66
C THR A 252 3.74 -8.77 5.95
N GLY A 253 3.18 -7.66 6.46
CA GLY A 253 3.52 -7.20 7.80
C GLY A 253 4.02 -5.77 7.88
N LYS A 254 3.90 -4.98 6.82
CA LYS A 254 4.43 -3.61 6.86
C LYS A 254 3.81 -2.80 8.01
N THR A 255 2.49 -2.85 8.12
CA THR A 255 1.82 -2.10 9.17
C THR A 255 2.00 -2.75 10.54
N THR A 256 1.86 -4.08 10.60
CA THR A 256 2.00 -4.78 11.86
C THR A 256 3.37 -4.53 12.47
N LEU A 257 4.43 -4.64 11.67
CA LEU A 257 5.77 -4.65 12.22
C LEU A 257 6.37 -3.27 12.37
N SER A 258 5.91 -2.28 11.59
CA SER A 258 6.42 -0.92 11.78
C SER A 258 5.82 -0.25 13.00
N THR A 259 4.65 -0.69 13.42
CA THR A 259 3.99 -0.13 14.59
C THR A 259 4.58 -0.85 15.79
N ASP A 260 5.66 -0.29 16.30
CA ASP A 260 6.64 -0.94 17.16
C ASP A 260 6.86 0.03 18.31
N PRO A 261 6.58 -0.35 19.56
CA PRO A 261 6.65 0.63 20.65
C PRO A 261 8.07 1.16 20.91
N LYS A 262 9.11 0.46 20.44
CA LYS A 262 10.48 0.93 20.57
C LYS A 262 10.88 1.96 19.52
N ARG A 263 10.01 2.27 18.55
CA ARG A 263 10.38 3.09 17.40
C ARG A 263 9.33 4.16 17.17
N ARG A 264 9.77 5.28 16.59
CA ARG A 264 8.84 6.33 16.18
C ARG A 264 8.34 6.05 14.76
N LEU A 265 7.04 5.93 14.61
CA LEU A 265 6.45 5.66 13.30
C LEU A 265 6.56 6.87 12.37
N ILE A 266 7.16 6.68 11.19
CA ILE A 266 7.11 7.68 10.12
C ILE A 266 5.83 7.51 9.27
N GLY A 267 5.54 6.29 8.85
CA GLY A 267 4.30 5.97 8.15
C GLY A 267 4.19 4.49 7.88
N ASP A 268 3.03 4.05 7.40
CA ASP A 268 2.92 2.60 7.26
C ASP A 268 2.75 2.07 5.85
N ASP A 269 2.72 2.89 4.79
CA ASP A 269 2.52 2.26 3.47
C ASP A 269 3.12 2.94 2.24
N GLU A 270 3.33 4.25 2.25
CA GLU A 270 3.70 4.99 1.04
C GLU A 270 4.74 6.05 1.41
N HIS A 271 5.97 5.91 0.90
CA HIS A 271 7.02 6.85 1.24
C HIS A 271 7.86 7.25 0.02
N GLY A 272 8.43 8.44 0.10
CA GLY A 272 9.45 8.86 -0.84
C GLY A 272 10.83 8.90 -0.21
N TRP A 273 11.88 8.94 -1.03
CA TRP A 273 13.26 9.03 -0.53
C TRP A 273 14.00 9.99 -1.46
N ASP A 274 14.24 11.21 -0.95
CA ASP A 274 14.85 12.31 -1.69
C ASP A 274 16.22 12.62 -1.06
N ASP A 275 16.80 13.77 -1.42
CA ASP A 275 18.16 14.07 -0.95
C ASP A 275 18.26 14.21 0.56
N ASP A 276 17.16 14.50 1.26
CA ASP A 276 17.18 14.70 2.70
C ASP A 276 16.79 13.46 3.49
N GLY A 277 16.05 12.53 2.92
CA GLY A 277 15.73 11.29 3.60
C GLY A 277 14.36 10.79 3.19
N VAL A 278 13.75 10.03 4.10
CA VAL A 278 12.53 9.27 3.84
C VAL A 278 11.32 10.04 4.38
N PHE A 279 10.27 10.16 3.57
CA PHE A 279 9.10 10.95 3.96
C PHE A 279 7.80 10.27 3.57
N ASN A 280 6.80 10.39 4.46
CA ASN A 280 5.50 9.77 4.28
C ASN A 280 4.68 10.58 3.27
N PHE A 281 3.90 9.88 2.44
CA PHE A 281 2.89 10.55 1.61
C PHE A 281 1.59 10.80 2.31
N GLU A 282 1.30 10.05 3.38
CA GLU A 282 -0.04 9.94 3.95
C GLU A 282 -0.11 10.57 5.34
N GLY A 283 -1.35 10.81 5.78
CA GLY A 283 -1.67 11.32 7.10
C GLY A 283 -2.32 10.32 8.02
N GLY A 284 -2.36 9.06 7.66
CA GLY A 284 -3.05 8.04 8.42
C GLY A 284 -2.50 6.69 8.07
N CYS A 285 -3.05 5.69 8.76
CA CYS A 285 -2.67 4.30 8.59
C CYS A 285 -3.92 3.47 8.32
N TYR A 286 -3.75 2.36 7.60
CA TYR A 286 -4.88 1.57 7.13
C TYR A 286 -4.61 0.10 7.50
N ALA A 287 -4.97 -0.25 8.74
CA ALA A 287 -4.57 -1.51 9.37
C ALA A 287 -5.54 -2.62 9.01
N LYS A 288 -5.01 -3.84 8.93
CA LYS A 288 -5.84 -5.03 8.79
C LYS A 288 -6.37 -5.44 10.16
N THR A 289 -7.66 -5.79 10.21
CA THR A 289 -8.26 -6.17 11.48
C THR A 289 -8.69 -7.62 11.58
N ILE A 290 -8.49 -8.47 10.56
CA ILE A 290 -8.95 -9.84 10.68
C ILE A 290 -8.15 -10.54 11.78
N LYS A 291 -8.87 -11.15 12.72
CA LYS A 291 -8.32 -11.83 13.88
C LYS A 291 -7.44 -10.91 14.73
N LEU A 292 -7.74 -9.62 14.73
CA LEU A 292 -6.95 -8.67 15.48
C LEU A 292 -6.90 -9.06 16.95
N SER A 293 -5.68 -9.09 17.47
CA SER A 293 -5.41 -9.41 18.87
C SER A 293 -4.88 -8.17 19.57
N LYS A 294 -5.62 -7.69 20.59
CA LYS A 294 -5.15 -6.59 21.41
C LYS A 294 -3.83 -6.91 22.10
N GLU A 295 -3.60 -8.19 22.43
CA GLU A 295 -2.36 -8.54 23.11
C GLU A 295 -1.19 -8.51 22.13
N ALA A 296 -1.39 -9.00 20.90
CA ALA A 296 -0.31 -9.02 19.93
C ALA A 296 -0.08 -7.68 19.25
N GLU A 297 -1.11 -6.85 19.10
CA GLU A 297 -1.02 -5.60 18.35
C GLU A 297 -1.71 -4.49 19.14
N PRO A 298 -1.18 -4.16 20.33
CA PRO A 298 -1.93 -3.24 21.21
C PRO A 298 -2.03 -1.82 20.67
N GLU A 299 -1.00 -1.34 19.97
CA GLU A 299 -1.04 0.04 19.48
C GLU A 299 -2.09 0.20 18.39
N ILE A 300 -2.16 -0.76 17.44
CA ILE A 300 -3.19 -0.73 16.42
C ILE A 300 -4.57 -0.83 17.05
N TYR A 301 -4.74 -1.76 17.99
CA TYR A 301 -6.02 -1.94 18.64
C TYR A 301 -6.44 -0.64 19.33
N ASN A 302 -5.52 0.02 20.03
N ASN A 302 -5.50 0.01 20.04
CA ASN A 302 -5.88 1.21 20.79
CA ASN A 302 -5.79 1.23 20.79
C ASN A 302 -6.08 2.44 19.91
C ASN A 302 -6.19 2.38 19.87
N ALA A 303 -5.71 2.37 18.62
CA ALA A 303 -6.08 3.39 17.66
C ALA A 303 -7.54 3.31 17.21
N ILE A 304 -8.24 2.23 17.51
CA ILE A 304 -9.61 2.01 17.06
C ILE A 304 -10.49 2.69 18.10
N ARG A 305 -10.88 3.92 17.80
CA ARG A 305 -11.61 4.80 18.71
C ARG A 305 -12.23 5.89 17.85
N ARG A 306 -12.99 6.80 18.47
CA ARG A 306 -13.64 7.86 17.70
C ARG A 306 -12.67 8.49 16.71
N ASP A 307 -13.14 8.60 15.47
CA ASP A 307 -12.47 9.16 14.30
C ASP A 307 -11.73 8.10 13.48
N ALA A 308 -11.49 6.92 14.04
CA ALA A 308 -11.13 5.79 13.21
C ALA A 308 -12.35 5.38 12.43
N LEU A 309 -12.12 4.70 11.30
CA LEU A 309 -13.21 4.25 10.43
C LEU A 309 -13.02 2.77 10.11
N LEU A 310 -13.86 1.93 10.70
CA LEU A 310 -13.80 0.49 10.49
C LEU A 310 -14.54 0.12 9.22
N GLU A 311 -13.99 -0.84 8.49
CA GLU A 311 -14.54 -1.27 7.20
C GLU A 311 -14.85 -2.75 7.27
N ASN A 312 -16.13 -3.09 7.08
CA ASN A 312 -16.60 -4.44 6.77
C ASN A 312 -16.48 -5.41 7.95
N VAL A 313 -16.18 -4.92 9.14
CA VAL A 313 -16.14 -5.80 10.31
C VAL A 313 -17.56 -6.18 10.71
N THR A 314 -17.66 -7.30 11.39
CA THR A 314 -18.93 -7.75 11.96
C THR A 314 -19.14 -7.04 13.29
N VAL A 315 -20.26 -6.32 13.38
CA VAL A 315 -20.65 -5.64 14.59
C VAL A 315 -21.89 -6.34 15.12
N ARG A 316 -21.84 -6.78 16.37
CA ARG A 316 -22.97 -7.47 16.96
C ARG A 316 -24.04 -6.47 17.39
N GLU A 317 -25.22 -7.00 17.72
CA GLU A 317 -26.33 -6.15 18.13
C GLU A 317 -25.93 -5.24 19.29
N ASP A 318 -25.12 -5.74 20.22
CA ASP A 318 -24.73 -4.96 21.38
C ASP A 318 -23.60 -3.98 21.08
N GLY A 319 -23.16 -3.91 19.83
CA GLY A 319 -22.13 -2.97 19.46
C GLY A 319 -20.73 -3.49 19.54
N THR A 320 -20.51 -4.71 20.04
CA THR A 320 -19.16 -5.27 20.08
C THR A 320 -18.76 -5.77 18.71
N ILE A 321 -17.46 -5.83 18.48
CA ILE A 321 -16.89 -6.20 17.18
C ILE A 321 -16.43 -7.65 17.23
N ASP A 322 -16.81 -8.44 16.22
CA ASP A 322 -16.24 -9.77 16.05
C ASP A 322 -15.10 -9.65 15.02
N PHE A 323 -13.89 -9.37 15.51
CA PHE A 323 -12.75 -9.21 14.62
C PHE A 323 -12.37 -10.52 13.92
N ASP A 324 -12.83 -11.66 14.42
CA ASP A 324 -12.45 -12.93 13.80
C ASP A 324 -13.31 -13.28 12.59
N ASP A 325 -14.41 -12.56 12.34
CA ASP A 325 -15.38 -12.94 11.33
C ASP A 325 -14.95 -12.37 9.97
N GLY A 326 -14.62 -13.25 9.02
CA GLY A 326 -14.23 -12.83 7.69
C GLY A 326 -15.26 -13.21 6.64
N SER A 327 -16.47 -13.53 7.07
CA SER A 327 -17.43 -14.06 6.11
C SER A 327 -17.90 -13.02 5.10
N LYS A 328 -17.72 -11.73 5.37
CA LYS A 328 -17.90 -10.77 4.29
C LYS A 328 -16.61 -10.60 3.52
N THR A 329 -15.51 -10.46 4.25
CA THR A 329 -14.21 -10.39 3.59
C THR A 329 -13.16 -10.70 4.64
N GLU A 330 -12.06 -11.32 4.20
CA GLU A 330 -10.86 -11.39 5.01
C GLU A 330 -10.15 -10.05 5.09
N ASN A 331 -10.44 -9.13 4.16
CA ASN A 331 -9.80 -7.83 4.10
C ASN A 331 -10.52 -6.78 4.95
N THR A 332 -10.96 -7.13 6.15
CA THR A 332 -11.46 -6.13 7.07
C THR A 332 -10.33 -5.16 7.42
N ARG A 333 -10.68 -3.89 7.57
CA ARG A 333 -9.69 -2.82 7.69
C ARG A 333 -10.21 -1.77 8.67
N VAL A 334 -9.28 -0.94 9.17
CA VAL A 334 -9.61 0.28 9.90
C VAL A 334 -8.64 1.36 9.46
N SER A 335 -9.14 2.53 9.13
CA SER A 335 -8.26 3.67 8.88
C SER A 335 -8.31 4.60 10.10
N TYR A 336 -7.20 5.27 10.37
CA TYR A 336 -7.16 6.23 11.46
C TYR A 336 -6.10 7.28 11.15
N PRO A 337 -6.29 8.52 11.60
CA PRO A 337 -5.19 9.49 11.47
C PRO A 337 -3.98 8.99 12.23
N ILE A 338 -2.80 9.39 11.76
CA ILE A 338 -1.59 8.74 12.24
C ILE A 338 -1.35 9.09 13.70
N TYR A 339 -1.88 10.21 14.18
CA TYR A 339 -1.67 10.55 15.60
C TYR A 339 -2.48 9.67 16.58
N HIS A 340 -3.33 8.77 16.09
CA HIS A 340 -3.90 7.72 16.94
C HIS A 340 -2.85 6.72 17.41
N ILE A 341 -1.64 6.77 16.84
CA ILE A 341 -0.50 6.00 17.32
C ILE A 341 0.29 6.92 18.23
N ASP A 342 0.71 6.41 19.39
CA ASP A 342 1.32 7.27 20.41
C ASP A 342 2.71 7.72 20.02
N ASN A 343 3.54 6.82 19.52
CA ASN A 343 4.95 7.18 19.30
C ASN A 343 5.15 7.34 17.80
N ILE A 344 4.95 8.58 17.32
CA ILE A 344 5.13 8.93 15.91
C ILE A 344 6.07 10.12 15.78
N VAL A 345 6.67 10.22 14.60
CA VAL A 345 7.41 11.42 14.21
C VAL A 345 6.44 12.56 13.95
N LYS A 346 6.71 13.72 14.55
CA LYS A 346 5.84 14.88 14.37
C LYS A 346 6.68 16.13 14.58
N PRO A 347 6.27 17.27 13.99
CA PRO A 347 4.99 17.51 13.31
C PRO A 347 4.92 17.14 11.84
N VAL A 348 6.01 16.69 11.26
CA VAL A 348 6.05 16.27 9.87
C VAL A 348 6.55 14.83 9.81
N SER A 349 5.86 14.00 9.03
CA SER A 349 6.20 12.57 8.98
C SER A 349 7.36 12.35 8.01
N LYS A 350 8.58 12.54 8.51
CA LYS A 350 9.79 12.35 7.71
C LYS A 350 10.96 12.17 8.65
N ALA A 351 12.04 11.58 8.11
CA ALA A 351 13.28 11.43 8.85
C ALA A 351 14.42 11.32 7.86
N GLY A 352 15.57 10.88 8.35
CA GLY A 352 16.76 10.85 7.55
C GLY A 352 16.79 9.65 6.61
N HIS A 353 17.99 9.38 6.11
CA HIS A 353 18.19 8.31 5.13
C HIS A 353 18.10 6.93 5.78
N ALA A 354 17.38 6.03 5.12
CA ALA A 354 17.27 4.67 5.63
C ALA A 354 18.62 3.96 5.53
N THR A 355 19.00 3.27 6.60
CA THR A 355 20.18 2.41 6.60
C THR A 355 19.82 0.92 6.73
N LYS A 356 18.56 0.61 7.01
CA LYS A 356 18.07 -0.76 7.01
C LYS A 356 16.88 -0.82 6.06
N VAL A 357 16.94 -1.76 5.11
CA VAL A 357 15.89 -1.95 4.10
C VAL A 357 15.45 -3.38 4.22
N ILE A 358 14.20 -3.58 4.59
CA ILE A 358 13.68 -4.90 4.91
C ILE A 358 12.60 -5.24 3.87
N PHE A 359 12.80 -6.37 3.15
CA PHE A 359 11.81 -6.93 2.22
C PHE A 359 11.04 -8.00 2.99
N LEU A 360 9.77 -7.73 3.28
CA LEU A 360 8.90 -8.72 3.89
C LEU A 360 8.23 -9.57 2.82
N THR A 361 8.12 -10.87 3.08
CA THR A 361 7.42 -11.78 2.20
C THR A 361 6.72 -12.80 3.08
N ALA A 362 5.54 -13.26 2.66
CA ALA A 362 4.81 -14.33 3.35
C ALA A 362 4.85 -15.58 2.47
N ASP A 363 5.81 -16.47 2.73
CA ASP A 363 6.09 -17.55 1.78
C ASP A 363 5.23 -18.76 2.12
N ALA A 364 4.09 -18.86 1.45
CA ALA A 364 3.18 -20.00 1.60
C ALA A 364 3.79 -21.32 1.14
N PHE A 365 4.87 -21.29 0.35
CA PHE A 365 5.57 -22.54 0.02
C PHE A 365 6.42 -23.08 1.17
N GLY A 366 6.67 -22.28 2.21
CA GLY A 366 7.45 -22.74 3.35
C GLY A 366 8.91 -23.02 3.04
N VAL A 367 9.49 -22.24 2.12
CA VAL A 367 10.84 -22.46 1.65
C VAL A 367 11.82 -21.43 2.22
N LEU A 368 11.40 -20.19 2.27
CA LEU A 368 12.36 -19.13 2.55
C LEU A 368 12.65 -19.00 4.04
N PRO A 369 13.86 -18.55 4.39
CA PRO A 369 14.22 -18.48 5.81
C PRO A 369 13.47 -17.34 6.49
N PRO A 370 13.28 -17.42 7.82
CA PRO A 370 12.72 -16.24 8.52
C PRO A 370 13.54 -14.98 8.29
N VAL A 371 14.87 -15.09 8.23
CA VAL A 371 15.67 -13.91 7.95
C VAL A 371 16.92 -14.30 7.17
N SER A 372 17.21 -13.50 6.14
CA SER A 372 18.43 -13.60 5.33
C SER A 372 19.00 -12.21 5.16
N ARG A 373 20.33 -12.11 5.17
CA ARG A 373 21.03 -10.87 4.85
C ARG A 373 21.43 -10.91 3.37
N LEU A 374 21.04 -9.91 2.60
CA LEU A 374 21.16 -9.95 1.15
C LEU A 374 22.41 -9.26 0.65
N THR A 375 22.99 -9.81 -0.41
CA THR A 375 23.98 -9.07 -1.16
C THR A 375 23.33 -7.93 -1.95
N ALA A 376 24.18 -7.03 -2.45
CA ALA A 376 23.70 -5.92 -3.27
C ALA A 376 22.92 -6.44 -4.48
N ASP A 377 23.49 -7.39 -5.20
CA ASP A 377 22.80 -7.91 -6.37
C ASP A 377 21.54 -8.69 -6.00
N GLN A 378 21.55 -9.42 -4.88
CA GLN A 378 20.34 -10.11 -4.44
C GLN A 378 19.26 -9.11 -4.09
N THR A 379 19.65 -7.95 -3.58
CA THR A 379 18.67 -6.93 -3.24
C THR A 379 17.93 -6.47 -4.49
N GLN A 380 18.67 -6.21 -5.57
CA GLN A 380 18.03 -5.81 -6.82
C GLN A 380 17.19 -6.95 -7.37
N TYR A 381 17.72 -8.18 -7.33
CA TYR A 381 17.00 -9.32 -7.88
C TYR A 381 15.67 -9.51 -7.19
N HIS A 382 15.66 -9.45 -5.85
CA HIS A 382 14.44 -9.73 -5.10
C HIS A 382 13.49 -8.55 -5.10
N PHE A 383 14.01 -7.32 -5.26
CA PHE A 383 13.15 -6.14 -5.41
C PHE A 383 12.37 -6.19 -6.72
N LEU A 384 13.05 -6.52 -7.83
CA LEU A 384 12.30 -6.66 -9.09
C LEU A 384 11.39 -7.88 -9.07
N SER A 385 11.79 -8.97 -8.42
CA SER A 385 10.95 -10.17 -8.34
C SER A 385 9.65 -9.88 -7.61
N GLY A 386 9.74 -9.29 -6.42
CA GLY A 386 8.55 -8.95 -5.66
C GLY A 386 7.65 -10.09 -5.28
N PHE A 387 8.20 -11.08 -4.58
CA PHE A 387 7.49 -12.32 -4.33
C PHE A 387 6.71 -12.29 -3.02
N THR A 388 5.53 -12.89 -3.05
CA THR A 388 4.85 -13.40 -1.88
C THR A 388 3.98 -14.56 -2.34
N ALA A 389 3.38 -15.26 -1.38
CA ALA A 389 2.47 -16.34 -1.75
C ALA A 389 1.36 -16.50 -0.72
N LYS A 390 0.28 -17.13 -1.14
CA LYS A 390 -0.90 -17.31 -0.32
C LYS A 390 -1.29 -18.78 -0.29
N LEU A 391 -1.94 -19.19 0.79
CA LEU A 391 -2.54 -20.52 0.84
C LEU A 391 -3.87 -20.46 0.12
N GLU A 400 -2.64 -25.72 -1.19
CA GLU A 400 -1.87 -25.37 -2.38
C GLU A 400 -1.40 -23.90 -2.30
N PRO A 401 -0.10 -23.68 -2.24
CA PRO A 401 0.41 -22.30 -2.22
C PRO A 401 0.34 -21.69 -3.61
N THR A 402 -0.08 -20.42 -3.65
CA THR A 402 -0.27 -19.70 -4.89
C THR A 402 0.68 -18.51 -4.91
N PRO A 403 1.61 -18.44 -5.88
CA PRO A 403 2.59 -17.36 -5.90
C PRO A 403 2.09 -16.09 -6.55
N THR A 404 2.60 -14.97 -6.06
CA THR A 404 2.46 -13.66 -6.67
C THR A 404 3.86 -13.08 -6.86
N PHE A 405 4.16 -12.63 -8.08
CA PHE A 405 5.36 -11.85 -8.36
C PHE A 405 4.91 -10.46 -8.78
N SER A 406 5.15 -9.48 -7.92
CA SER A 406 4.68 -8.13 -8.19
C SER A 406 5.87 -7.19 -8.08
N ALA A 407 6.35 -6.69 -9.23
CA ALA A 407 7.58 -5.92 -9.30
C ALA A 407 7.60 -4.81 -8.26
N CYS A 408 8.75 -4.68 -7.59
CA CYS A 408 8.99 -3.64 -6.58
C CYS A 408 8.07 -3.79 -5.36
N PHE A 409 7.53 -4.98 -5.14
CA PHE A 409 6.57 -5.23 -4.07
C PHE A 409 5.36 -4.31 -4.19
N GLY A 410 4.99 -3.90 -5.42
CA GLY A 410 3.84 -3.04 -5.57
C GLY A 410 3.52 -2.69 -7.00
N ALA A 411 3.51 -3.70 -7.87
CA ALA A 411 3.35 -3.42 -9.30
C ALA A 411 1.99 -2.81 -9.60
N ALA A 412 0.99 -3.10 -8.78
CA ALA A 412 -0.34 -2.51 -8.99
C ALA A 412 -0.35 -0.97 -8.97
N PHE A 413 0.69 -0.33 -8.45
CA PHE A 413 0.73 1.12 -8.31
C PHE A 413 1.83 1.76 -9.13
N LEU A 414 2.58 0.97 -9.90
CA LEU A 414 3.70 1.51 -10.66
C LEU A 414 3.18 2.13 -11.94
N SER A 415 3.61 3.35 -12.20
CA SER A 415 3.27 4.06 -13.42
C SER A 415 4.41 4.10 -14.41
N LEU A 416 5.62 3.86 -13.94
CA LEU A 416 6.83 3.74 -14.73
C LEU A 416 7.29 2.29 -14.74
N HIS A 417 8.33 2.01 -15.52
CA HIS A 417 8.81 0.64 -15.60
C HIS A 417 9.52 0.25 -14.29
N PRO A 418 9.38 -1.00 -13.84
CA PRO A 418 10.04 -1.42 -12.59
C PRO A 418 11.51 -1.02 -12.47
N THR A 419 12.28 -1.12 -13.55
CA THR A 419 13.70 -0.81 -13.41
C THR A 419 13.92 0.65 -13.05
N GLN A 420 12.96 1.53 -13.32
CA GLN A 420 13.14 2.94 -12.97
C GLN A 420 13.03 3.14 -11.46
N TYR A 421 12.19 2.33 -10.79
CA TYR A 421 12.12 2.35 -9.33
C TYR A 421 13.39 1.76 -8.74
N ALA A 422 13.84 0.65 -9.29
CA ALA A 422 15.05 -0.01 -8.78
C ALA A 422 16.25 0.90 -8.89
N GLU A 423 16.38 1.60 -10.02
CA GLU A 423 17.55 2.45 -10.25
C GLU A 423 17.67 3.54 -9.19
N VAL A 424 16.56 4.22 -8.90
N VAL A 424 16.56 4.22 -8.90
CA VAL A 424 16.65 5.31 -7.95
CA VAL A 424 16.63 5.32 -7.93
C VAL A 424 16.74 4.79 -6.52
C VAL A 424 16.75 4.78 -6.51
N LEU A 425 16.13 3.64 -6.21
CA LEU A 425 16.28 3.06 -4.87
C LEU A 425 17.73 2.63 -4.63
N VAL A 426 18.37 2.03 -5.63
CA VAL A 426 19.78 1.65 -5.49
C VAL A 426 20.62 2.88 -5.20
N LYS A 427 20.38 3.97 -5.93
CA LYS A 427 21.17 5.18 -5.72
C LYS A 427 21.03 5.66 -4.28
N ARG A 428 19.81 5.65 -3.75
CA ARG A 428 19.61 6.13 -2.40
C ARG A 428 20.24 5.19 -1.39
N MET A 429 20.12 3.88 -1.60
CA MET A 429 20.69 2.93 -0.66
C MET A 429 22.21 2.99 -0.64
N GLN A 430 22.83 3.09 -1.82
CA GLN A 430 24.28 3.15 -1.92
C GLN A 430 24.83 4.40 -1.25
N ALA A 431 24.18 5.53 -1.47
CA ALA A 431 24.62 6.78 -0.85
C ALA A 431 24.51 6.75 0.66
N ALA A 432 23.53 6.02 1.22
CA ALA A 432 23.36 5.94 2.66
C ALA A 432 24.08 4.77 3.29
N GLY A 433 24.68 3.89 2.48
CA GLY A 433 25.27 2.68 3.00
C GLY A 433 24.27 1.74 3.62
N ALA A 434 23.09 1.61 3.01
CA ALA A 434 22.07 0.76 3.59
C ALA A 434 22.34 -0.71 3.36
N GLN A 435 21.84 -1.53 4.27
CA GLN A 435 21.91 -2.97 4.18
C GLN A 435 20.49 -3.51 4.07
N ALA A 436 20.30 -4.53 3.25
CA ALA A 436 18.98 -5.11 3.01
C ALA A 436 18.89 -6.52 3.58
N TYR A 437 17.66 -6.88 3.96
CA TYR A 437 17.32 -8.15 4.58
C TYR A 437 16.04 -8.65 3.94
N LEU A 438 15.93 -9.96 3.79
CA LEU A 438 14.71 -10.64 3.36
C LEU A 438 14.13 -11.38 4.56
N VAL A 439 12.86 -11.09 4.89
CA VAL A 439 12.21 -11.63 6.07
C VAL A 439 10.96 -12.36 5.62
N ASN A 440 10.90 -13.66 5.91
CA ASN A 440 9.70 -14.47 5.64
C ASN A 440 8.80 -14.39 6.86
N THR A 441 7.75 -13.57 6.79
CA THR A 441 6.74 -13.49 7.84
C THR A 441 5.64 -14.50 7.63
N GLY A 442 5.80 -15.40 6.67
CA GLY A 442 4.84 -16.42 6.40
C GLY A 442 5.19 -17.77 7.01
N TRP A 443 5.22 -18.79 6.17
CA TRP A 443 5.12 -20.17 6.63
C TRP A 443 6.45 -20.91 6.56
N ASN A 444 6.54 -21.96 7.37
CA ASN A 444 7.67 -22.89 7.31
C ASN A 444 7.09 -24.31 7.28
N GLY A 445 7.91 -25.31 7.61
CA GLY A 445 7.46 -26.69 7.48
C GLY A 445 6.39 -27.11 8.47
N THR A 446 6.10 -26.27 9.47
CA THR A 446 5.00 -26.58 10.39
C THR A 446 3.64 -26.33 9.75
N GLY A 447 3.59 -25.70 8.59
CA GLY A 447 2.30 -25.35 8.03
C GLY A 447 1.61 -24.27 8.82
N LYS A 448 2.31 -23.63 9.73
CA LYS A 448 1.82 -22.49 10.48
C LYS A 448 2.70 -21.30 10.15
N ARG A 449 2.13 -20.13 10.35
CA ARG A 449 2.87 -18.90 10.15
C ARG A 449 3.80 -18.64 11.32
N ILE A 450 5.02 -18.15 11.03
CA ILE A 450 5.89 -17.71 12.13
C ILE A 450 5.14 -16.72 13.01
N SER A 451 5.38 -16.78 14.32
CA SER A 451 4.62 -15.95 15.24
C SER A 451 5.03 -14.48 15.13
N ILE A 452 4.08 -13.58 15.41
CA ILE A 452 4.40 -12.15 15.46
C ILE A 452 5.54 -11.91 16.45
N LYS A 453 5.49 -12.59 17.60
CA LYS A 453 6.54 -12.43 18.62
C LYS A 453 7.93 -12.74 18.07
N ASP A 454 8.09 -13.88 17.39
CA ASP A 454 9.38 -14.23 16.81
C ASP A 454 9.79 -13.24 15.72
N THR A 455 8.83 -12.84 14.87
CA THR A 455 9.13 -11.89 13.81
C THR A 455 9.56 -10.53 14.39
N ARG A 456 8.91 -10.08 15.44
CA ARG A 456 9.34 -8.83 16.06
C ARG A 456 10.76 -8.95 16.59
N ALA A 457 11.13 -10.13 17.12
CA ALA A 457 12.49 -10.31 17.63
C ALA A 457 13.51 -10.30 16.49
N ILE A 458 13.15 -10.90 15.36
CA ILE A 458 13.98 -10.82 14.15
C ILE A 458 14.16 -9.36 13.71
N ILE A 459 13.07 -8.59 13.68
CA ILE A 459 13.21 -7.18 13.32
C ILE A 459 14.12 -6.46 14.31
N ASP A 460 13.95 -6.73 15.60
CA ASP A 460 14.84 -6.11 16.60
C ASP A 460 16.31 -6.41 16.27
N ALA A 461 16.61 -7.65 15.91
CA ALA A 461 18.00 -8.02 15.66
C ALA A 461 18.53 -7.39 14.38
N ILE A 462 17.67 -7.18 13.38
CA ILE A 462 18.11 -6.44 12.21
C ILE A 462 18.44 -5.02 12.61
N LEU A 463 17.52 -4.38 13.34
CA LEU A 463 17.60 -2.95 13.59
C LEU A 463 18.73 -2.58 14.53
N ASN A 464 19.07 -3.44 15.49
CA ASN A 464 20.14 -3.07 16.41
C ASN A 464 21.52 -3.46 15.90
N GLY A 465 21.64 -3.94 14.67
CA GLY A 465 22.94 -4.26 14.13
C GLY A 465 23.44 -5.64 14.44
N SER A 466 22.66 -6.42 15.19
CA SER A 466 23.03 -7.79 15.56
C SER A 466 23.50 -8.59 14.36
N LEU A 467 22.84 -8.44 13.21
CA LEU A 467 23.08 -9.33 12.08
C LEU A 467 24.04 -8.79 11.04
N ASP A 468 24.47 -7.54 11.13
CA ASP A 468 25.19 -6.94 10.01
C ASP A 468 26.53 -7.62 9.77
N ASN A 469 27.14 -8.15 10.83
CA ASN A 469 28.43 -8.83 10.69
C ASN A 469 28.40 -10.21 11.34
N ALA A 470 27.21 -10.77 11.57
CA ALA A 470 27.08 -12.05 12.25
C ALA A 470 27.52 -13.19 11.34
N GLU A 471 27.92 -14.31 11.97
CA GLU A 471 28.22 -15.52 11.21
C GLU A 471 26.96 -16.05 10.55
N THR A 472 27.13 -16.64 9.36
CA THR A 472 26.00 -17.12 8.58
C THR A 472 26.31 -18.48 7.99
N PHE A 473 25.25 -19.21 7.66
CA PHE A 473 25.32 -20.34 6.75
C PHE A 473 24.49 -20.03 5.50
N THR A 474 24.70 -20.80 4.45
CA THR A 474 24.09 -20.47 3.16
C THR A 474 22.98 -21.46 2.81
N LEU A 475 21.85 -20.92 2.44
CA LEU A 475 20.72 -21.75 2.04
C LEU A 475 20.95 -22.19 0.60
N PRO A 476 20.86 -23.50 0.30
CA PRO A 476 21.08 -23.97 -1.08
C PRO A 476 20.05 -23.41 -2.07
N MET A 477 20.49 -23.37 -3.33
CA MET A 477 19.71 -22.91 -4.47
C MET A 477 19.42 -21.41 -4.47
N PHE A 478 18.87 -20.88 -3.37
CA PHE A 478 18.65 -19.45 -3.28
C PHE A 478 19.88 -18.71 -2.83
N ASN A 479 20.81 -19.41 -2.18
CA ASN A 479 22.13 -18.84 -1.86
C ASN A 479 22.00 -17.68 -0.90
N LEU A 480 21.11 -17.84 0.07
CA LEU A 480 20.80 -16.80 1.03
C LEU A 480 21.63 -17.01 2.29
N ALA A 481 22.28 -15.94 2.75
CA ALA A 481 23.05 -15.97 3.99
C ALA A 481 22.11 -15.83 5.18
N ILE A 482 22.11 -16.83 6.05
CA ILE A 482 21.23 -16.89 7.22
C ILE A 482 22.10 -16.82 8.46
N PRO A 483 21.79 -15.95 9.43
CA PRO A 483 22.53 -15.96 10.70
C PRO A 483 22.44 -17.31 11.40
N THR A 484 23.56 -17.71 12.05
CA THR A 484 23.60 -18.98 12.76
C THR A 484 22.82 -18.92 14.06
N GLU A 485 22.62 -17.72 14.59
CA GLU A 485 21.88 -17.59 15.84
C GLU A 485 21.28 -16.19 15.90
N LEU A 486 20.26 -16.03 16.74
CA LEU A 486 19.60 -14.73 16.84
C LEU A 486 18.91 -14.58 18.20
N PRO A 487 19.27 -13.57 19.01
CA PRO A 487 18.64 -13.37 20.33
C PRO A 487 17.13 -13.33 20.32
N GLY A 488 16.51 -14.18 21.12
CA GLY A 488 15.07 -14.16 21.28
C GLY A 488 14.32 -15.12 20.39
N VAL A 489 15.01 -15.80 19.47
CA VAL A 489 14.37 -16.69 18.51
C VAL A 489 15.00 -18.07 18.64
N ASP A 490 14.15 -19.09 18.58
CA ASP A 490 14.63 -20.47 18.59
C ASP A 490 15.54 -20.70 17.39
N THR A 491 16.80 -21.06 17.66
CA THR A 491 17.76 -21.25 16.57
C THR A 491 17.24 -22.21 15.51
N LYS A 492 16.45 -23.20 15.92
CA LYS A 492 16.01 -24.24 14.99
C LYS A 492 15.28 -23.66 13.78
N ILE A 493 14.44 -22.63 13.97
CA ILE A 493 13.64 -22.20 12.83
C ILE A 493 14.38 -21.27 11.88
N LEU A 494 15.61 -20.85 12.21
CA LEU A 494 16.38 -20.01 11.28
C LEU A 494 16.68 -20.75 9.99
N ASP A 495 16.87 -22.06 10.07
CA ASP A 495 17.07 -22.86 8.87
C ASP A 495 15.73 -23.45 8.47
N PRO A 496 15.17 -23.09 7.31
CA PRO A 496 13.83 -23.59 6.97
C PRO A 496 13.77 -25.09 6.80
N ARG A 497 14.91 -25.75 6.56
CA ARG A 497 14.89 -27.20 6.43
C ARG A 497 14.59 -27.91 7.74
N ASN A 498 14.80 -27.24 8.88
CA ASN A 498 14.67 -27.89 10.18
C ASN A 498 13.22 -28.15 10.59
N THR A 499 12.25 -27.52 9.96
CA THR A 499 10.84 -27.72 10.31
C THR A 499 10.17 -28.74 9.40
N TYR A 500 10.96 -29.48 8.63
CA TYR A 500 10.47 -30.61 7.86
C TYR A 500 11.00 -31.88 8.50
N ALA A 501 10.33 -33.00 8.24
CA ALA A 501 10.83 -34.27 8.75
C ALA A 501 12.18 -34.59 8.15
N SER A 502 12.42 -34.16 6.91
CA SER A 502 13.70 -34.32 6.22
C SER A 502 14.02 -33.08 5.41
N PRO A 503 15.31 -32.72 5.29
CA PRO A 503 15.68 -31.68 4.32
C PRO A 503 15.16 -31.99 2.92
N GLU A 504 14.83 -33.26 2.67
CA GLU A 504 14.32 -33.66 1.36
C GLU A 504 12.93 -33.08 1.07
N GLN A 505 12.07 -32.96 2.09
CA GLN A 505 10.78 -32.30 1.87
C GLN A 505 10.99 -30.85 1.45
N TRP A 506 11.95 -30.18 2.09
CA TRP A 506 12.21 -28.79 1.75
C TRP A 506 12.75 -28.67 0.32
N GLN A 507 13.68 -29.56 -0.06
CA GLN A 507 14.28 -29.49 -1.40
C GLN A 507 13.22 -29.54 -2.49
N GLU A 508 12.23 -30.41 -2.36
CA GLU A 508 11.22 -30.52 -3.41
C GLU A 508 10.50 -29.20 -3.59
N LYS A 509 10.08 -28.58 -2.49
CA LYS A 509 9.37 -27.30 -2.57
C LYS A 509 10.30 -26.18 -3.02
N ALA A 510 11.56 -26.22 -2.58
CA ALA A 510 12.50 -25.19 -2.98
C ALA A 510 12.73 -25.22 -4.49
N GLU A 511 12.78 -26.40 -5.09
CA GLU A 511 12.98 -26.44 -6.54
C GLU A 511 11.76 -25.89 -7.27
N THR A 512 10.58 -26.22 -6.81
CA THR A 512 9.37 -25.64 -7.39
C THR A 512 9.43 -24.12 -7.34
N LEU A 513 9.77 -23.56 -6.18
CA LEU A 513 9.77 -22.12 -6.01
C LEU A 513 10.89 -21.47 -6.82
N ALA A 514 12.07 -22.10 -6.83
CA ALA A 514 13.16 -21.55 -7.62
C ALA A 514 12.75 -21.41 -9.08
N LYS A 515 12.09 -22.44 -9.63
CA LYS A 515 11.68 -22.39 -11.02
C LYS A 515 10.69 -21.26 -11.25
N LEU A 516 9.80 -21.02 -10.29
CA LEU A 516 8.88 -19.89 -10.40
C LEU A 516 9.64 -18.57 -10.49
N PHE A 517 10.65 -18.37 -9.62
CA PHE A 517 11.46 -17.16 -9.65
C PHE A 517 12.17 -17.00 -10.99
N ILE A 518 12.77 -18.10 -11.49
CA ILE A 518 13.58 -18.03 -12.69
C ILE A 518 12.72 -17.68 -13.91
N ASP A 519 11.57 -18.33 -14.04
CA ASP A 519 10.64 -17.97 -15.10
C ASP A 519 10.19 -16.53 -14.98
N ASN A 520 9.83 -16.10 -13.78
CA ASN A 520 9.32 -14.75 -13.64
C ASN A 520 10.38 -13.71 -14.01
N PHE A 521 11.65 -13.99 -13.70
CA PHE A 521 12.68 -12.98 -13.87
C PHE A 521 13.12 -12.83 -15.31
N ASP A 522 12.79 -13.79 -16.16
CA ASP A 522 13.30 -13.77 -17.53
C ASP A 522 13.02 -12.46 -18.22
N LYS A 523 11.82 -11.89 -18.02
CA LYS A 523 11.49 -10.66 -18.73
C LYS A 523 12.52 -9.57 -18.50
N TYR A 524 13.19 -9.54 -17.35
CA TYR A 524 14.15 -8.47 -17.08
C TYR A 524 15.50 -8.70 -17.75
N THR A 525 15.72 -9.84 -18.40
CA THR A 525 17.06 -10.17 -18.87
C THR A 525 17.36 -9.66 -20.28
N ASP A 526 16.52 -8.80 -20.85
CA ASP A 526 16.84 -8.22 -22.15
C ASP A 526 17.72 -6.97 -22.04
N THR A 527 18.22 -6.63 -20.84
CA THR A 527 19.25 -5.60 -20.72
C THR A 527 20.52 -6.20 -20.13
N PRO A 528 21.69 -5.64 -20.45
CA PRO A 528 22.92 -6.17 -19.83
C PRO A 528 22.84 -6.24 -18.32
N ALA A 529 22.30 -5.21 -17.65
CA ALA A 529 22.26 -5.21 -16.19
C ALA A 529 21.29 -6.28 -15.66
N GLY A 530 20.12 -6.41 -16.29
CA GLY A 530 19.17 -7.42 -15.86
C GLY A 530 19.70 -8.83 -16.08
N ALA A 531 20.36 -9.05 -17.22
CA ALA A 531 20.95 -10.35 -17.47
C ALA A 531 22.00 -10.68 -16.41
N ALA A 532 22.76 -9.68 -15.97
CA ALA A 532 23.78 -9.93 -14.95
C ALA A 532 23.17 -10.29 -13.60
N LEU A 533 21.93 -9.85 -13.33
CA LEU A 533 21.32 -10.14 -12.04
C LEU A 533 20.82 -11.58 -11.93
N VAL A 534 20.71 -12.31 -13.04
CA VAL A 534 20.31 -13.70 -12.98
C VAL A 534 21.20 -14.49 -12.04
N ALA A 535 22.50 -14.14 -12.00
CA ALA A 535 23.44 -14.88 -11.17
C ALA A 535 23.15 -14.71 -9.69
N ALA A 536 22.40 -13.67 -9.31
CA ALA A 536 22.04 -13.42 -7.92
C ALA A 536 20.74 -14.09 -7.53
N GLY A 537 20.00 -14.61 -8.51
CA GLY A 537 18.77 -15.31 -8.26
C GLY A 537 19.00 -16.77 -7.92
N PRO A 538 17.90 -17.46 -7.65
CA PRO A 538 17.97 -18.90 -7.42
C PRO A 538 18.58 -19.58 -8.62
N LYS A 539 19.30 -20.67 -8.35
CA LYS A 539 20.03 -21.42 -9.36
C LYS A 539 19.44 -22.82 -9.41
N LEU A 540 19.01 -23.22 -10.60
CA LEU A 540 18.39 -24.53 -10.78
C LEU A 540 18.71 -24.96 -12.20
N HIS A 541 19.45 -26.06 -12.37
CA HIS A 541 19.83 -26.51 -13.70
C HIS A 541 19.44 -27.98 -13.96
N HIS A 542 18.40 -28.46 -13.29
CA HIS A 542 17.89 -29.81 -13.56
C HIS A 542 16.38 -29.85 -13.42
N HIS A 543 15.80 -30.87 -14.05
CA HIS A 543 14.38 -31.27 -14.00
C HIS A 543 13.58 -30.51 -15.04
PG ATP B . -1.04 -3.63 3.04
O1G ATP B . -1.45 -2.66 4.13
O2G ATP B . -2.16 -4.38 2.35
O3G ATP B . 0.00 -3.08 2.07
PB ATP B . 0.66 -4.85 5.13
O1B ATP B . 0.60 -3.53 5.86
O2B ATP B . 2.02 -5.36 4.76
O3B ATP B . -0.26 -4.86 3.80
PA ATP B . -0.33 -6.01 7.56
O1A ATP B . 0.91 -5.68 8.33
O2A ATP B . -1.55 -5.14 7.78
O3A ATP B . -0.02 -6.04 5.98
O5' ATP B . -0.83 -7.52 7.67
C5' ATP B . -0.08 -8.57 8.29
C4' ATP B . -1.20 -9.54 8.67
O4' ATP B . -0.63 -10.80 9.01
C3' ATP B . -1.93 -9.03 9.90
O3' ATP B . -3.26 -9.57 9.88
C2' ATP B . -1.14 -9.66 11.04
O2' ATP B . -1.87 -9.78 12.27
C1' ATP B . -0.87 -11.01 10.42
N9 ATP B . 0.33 -11.73 10.84
C8 ATP B . 0.34 -13.01 11.26
N7 ATP B . 1.60 -13.42 11.53
C5 ATP B . 2.43 -12.39 11.27
C6 ATP B . 3.89 -12.18 11.32
N6 ATP B . 4.71 -13.18 11.75
N1 ATP B . 4.35 -10.96 10.96
C2 ATP B . 3.53 -9.99 10.52
N3 ATP B . 2.20 -10.12 10.44
C4 ATP B . 1.60 -11.27 10.79
MG MG C . -0.57 -1.93 5.74
MN MN D . -0.13 -1.30 0.95
XE XE E . 16.87 -2.22 -5.00
C1 BTB F . -12.17 1.28 -26.82
O1 BTB F . -12.57 1.12 -28.17
C2 BTB F . -11.55 2.68 -26.64
C3 BTB F . -11.60 3.12 -25.16
O3 BTB F . -11.27 4.48 -25.13
C4 BTB F . -12.52 3.63 -27.36
O4 BTB F . -12.20 4.98 -27.16
N BTB F . -10.14 2.76 -27.09
C5 BTB F . -9.36 1.65 -26.54
C6 BTB F . -7.95 2.12 -26.25
O6 BTB F . -8.09 3.33 -25.56
C7 BTB F . -9.98 2.78 -28.56
C8 BTB F . -9.67 4.20 -29.07
O8 BTB F . -8.47 4.66 -28.52
H11 BTB F . -12.94 1.18 -26.25
H12 BTB F . -11.52 0.60 -26.61
HO1 BTB F . -12.40 0.33 -28.42
H31 BTB F . -10.94 2.61 -24.65
H32 BTB F . -12.48 2.98 -24.79
HO3 BTB F . -11.20 4.74 -24.32
H41 BTB F . -12.48 3.45 -28.32
H42 BTB F . -13.42 3.48 -27.04
HO4 BTB F . -11.35 5.09 -27.22
H51 BTB F . -9.33 0.91 -27.18
H52 BTB F . -9.78 1.33 -25.72
H61 BTB F . -7.47 2.27 -27.08
H62 BTB F . -7.48 1.47 -25.70
HO6 BTB F . -7.38 3.48 -25.11
H71 BTB F . -9.24 2.20 -28.80
H72 BTB F . -10.79 2.47 -28.97
H81 BTB F . -9.60 4.18 -30.04
H82 BTB F . -10.39 4.79 -28.81
HO8 BTB F . -7.91 4.83 -29.15
S1 THJ G . -4.88 -0.78 -0.58
O1 THJ G . -3.71 -1.05 -1.52
O2 THJ G . -4.67 0.64 -0.06
O3 THJ G . -6.19 -1.00 -1.25
S2 THJ G . -4.78 -2.06 1.03
#